data_5TDB
#
_entry.id   5TDB
#
_cell.length_a   29.573
_cell.length_b   37.168
_cell.length_c   29.746
_cell.angle_alpha   90.00
_cell.angle_beta   109.50
_cell.angle_gamma   90.00
#
_symmetry.space_group_name_H-M   'P 1 21 1'
#
loop_
_entity.id
_entity.type
_entity.pdbx_description
1 polymer 'E3 ubiquitin-protein ligase UBR2'
2 polymer 'DA2-ILE-PHE-SER peptide'
3 non-polymer 'ZINC ION'
4 non-polymer 1,2-ETHANEDIOL
5 water water
#
loop_
_entity_poly.entity_id
_entity_poly.type
_entity_poly.pdbx_seq_one_letter_code
_entity_poly.pdbx_strand_id
1 'polypeptide(L)' GPLGSLCGRVFKVGEPTYSCRDCAVDPTCVLCMECFLGSIHRDHRYRMTTSGGGGFCDCGDTEAWKEGPYCQKHEL A
2 'polypeptide(L)' (DA2)IFS B
#
# COMPACT_ATOMS: atom_id res chain seq x y z
N LEU A 6 3.64 10.92 -2.26
CA LEU A 6 2.72 12.07 -2.35
C LEU A 6 1.26 11.68 -2.12
N CYS A 7 0.97 10.40 -1.89
CA CYS A 7 -0.35 9.98 -1.44
C CYS A 7 -0.56 10.39 0.02
N GLY A 8 0.13 9.72 0.94
CA GLY A 8 0.01 10.00 2.36
C GLY A 8 -1.33 9.70 3.00
N ARG A 9 -2.25 9.04 2.31
CA ARG A 9 -3.61 8.87 2.82
C ARG A 9 -3.61 8.24 4.20
N VAL A 10 -4.33 8.85 5.14
CA VAL A 10 -4.55 8.28 6.47
C VAL A 10 -5.82 7.45 6.43
N PHE A 11 -5.72 6.19 6.85
CA PHE A 11 -6.85 5.27 6.76
C PHE A 11 -7.94 5.60 7.76
N LYS A 12 -9.18 5.41 7.32
CA LYS A 12 -10.34 5.55 8.20
C LYS A 12 -10.83 4.19 8.68
N VAL A 13 -11.70 4.26 9.70
CA VAL A 13 -12.27 3.07 10.31
C VAL A 13 -12.92 2.21 9.26
N GLY A 14 -12.54 0.94 9.21
CA GLY A 14 -13.14 0.00 8.28
C GLY A 14 -12.57 0.03 6.87
N GLU A 15 -11.57 0.86 6.62
CA GLU A 15 -11.08 1.03 5.25
C GLU A 15 -10.11 -0.10 4.88
N PRO A 16 -10.23 -0.67 3.68
CA PRO A 16 -9.28 -1.71 3.25
C PRO A 16 -7.88 -1.15 3.06
N THR A 17 -6.88 -1.96 3.46
CA THR A 17 -5.48 -1.68 3.17
C THR A 17 -4.87 -2.91 2.52
N TYR A 18 -3.90 -2.70 1.66
CA TYR A 18 -3.34 -3.77 0.85
C TYR A 18 -1.84 -3.85 1.05
N SER A 19 -1.36 -5.02 1.41
CA SER A 19 0.07 -5.24 1.39
C SER A 19 0.37 -6.22 0.27
N CYS A 20 1.62 -6.27 -0.15
CA CYS A 20 2.06 -7.24 -1.14
C CYS A 20 3.01 -8.21 -0.45
N ARG A 21 2.65 -9.50 -0.46
CA ARG A 21 3.48 -10.49 0.20
C ARG A 21 4.80 -10.69 -0.54
N ASP A 22 4.84 -10.37 -1.83
CA ASP A 22 6.07 -10.50 -2.60
C ASP A 22 7.01 -9.31 -2.43
N CYS A 23 6.49 -8.09 -2.25
CA CYS A 23 7.30 -6.89 -2.33
C CYS A 23 7.42 -6.09 -1.04
N ALA A 24 6.52 -6.28 -0.08
CA ALA A 24 6.59 -5.47 1.14
C ALA A 24 7.89 -5.76 1.89
N VAL A 25 8.54 -4.71 2.40
CA VAL A 25 9.75 -4.89 3.20
C VAL A 25 9.42 -5.56 4.52
N ASP A 26 8.27 -5.22 5.10
CA ASP A 26 7.78 -5.87 6.32
C ASP A 26 6.27 -5.80 6.31
N PRO A 27 5.61 -6.51 7.24
CA PRO A 27 4.14 -6.64 7.16
C PRO A 27 3.37 -5.36 7.43
N THR A 28 3.99 -4.31 7.92
CA THR A 28 3.29 -3.05 8.13
C THR A 28 3.27 -2.15 6.91
N CYS A 29 3.93 -2.55 5.82
CA CYS A 29 3.96 -1.77 4.59
C CYS A 29 2.67 -2.00 3.82
N VAL A 30 1.94 -0.92 3.50
CA VAL A 30 0.61 -1.03 2.93
C VAL A 30 0.37 0.06 1.89
N LEU A 31 -0.61 -0.21 1.04
CA LEU A 31 -1.15 0.72 0.07
C LEU A 31 -2.64 0.92 0.28
N CYS A 32 -3.10 2.16 0.05
CA CYS A 32 -4.53 2.43 -0.01
C CYS A 32 -5.12 1.81 -1.27
N MET A 33 -6.45 1.81 -1.33
CA MET A 33 -7.12 1.17 -2.46
CA MET A 33 -7.13 1.18 -2.46
C MET A 33 -6.72 1.81 -3.78
N GLU A 34 -6.68 3.15 -3.83
CA GLU A 34 -6.34 3.83 -5.07
C GLU A 34 -4.96 3.43 -5.55
N CYS A 35 -3.99 3.45 -4.65
CA CYS A 35 -2.61 3.16 -5.01
C CYS A 35 -2.42 1.69 -5.36
N PHE A 36 -3.05 0.80 -4.59
CA PHE A 36 -2.97 -0.63 -4.89
C PHE A 36 -3.46 -0.93 -6.31
N LEU A 37 -4.63 -0.40 -6.67
CA LEU A 37 -5.24 -0.72 -7.95
C LEU A 37 -4.47 -0.14 -9.13
N GLY A 38 -3.63 0.89 -8.89
CA GLY A 38 -2.78 1.46 -9.90
C GLY A 38 -1.32 1.03 -9.81
N SER A 39 -1.04 -0.06 -9.09
CA SER A 39 0.32 -0.51 -8.82
C SER A 39 0.57 -1.88 -9.46
N ILE A 40 1.85 -2.26 -9.53
CA ILE A 40 2.18 -3.61 -10.00
C ILE A 40 1.67 -4.70 -9.09
N HIS A 41 1.38 -4.39 -7.82
CA HIS A 41 1.09 -5.42 -6.82
C HIS A 41 -0.29 -6.02 -6.97
N ARG A 42 -1.18 -5.41 -7.76
CA ARG A 42 -2.45 -6.05 -8.01
C ARG A 42 -2.29 -7.35 -8.80
N ASP A 43 -1.12 -7.59 -9.38
CA ASP A 43 -0.80 -8.84 -10.07
C ASP A 43 0.06 -9.79 -9.24
N HIS A 44 0.25 -9.49 -7.95
CA HIS A 44 1.10 -10.24 -7.02
C HIS A 44 0.25 -10.91 -5.95
N ARG A 45 0.92 -11.62 -5.03
CA ARG A 45 0.25 -12.21 -3.86
C ARG A 45 0.02 -11.10 -2.84
N TYR A 46 -1.16 -10.53 -2.82
CA TYR A 46 -1.45 -9.43 -1.91
C TYR A 46 -2.29 -9.89 -0.72
N ARG A 47 -2.30 -9.05 0.31
CA ARG A 47 -3.04 -9.31 1.55
C ARG A 47 -3.86 -8.07 1.88
N MET A 48 -5.17 -8.23 2.04
CA MET A 48 -6.04 -7.11 2.41
C MET A 48 -6.38 -7.22 3.89
N THR A 49 -6.17 -6.12 4.62
CA THR A 49 -6.50 -6.01 6.02
C THR A 49 -7.32 -4.74 6.20
N THR A 50 -8.45 -4.86 6.90
CA THR A 50 -9.31 -3.72 7.19
C THR A 50 -8.67 -2.87 8.29
N SER A 51 -8.60 -1.56 8.07
CA SER A 51 -8.04 -0.68 9.08
C SER A 51 -9.04 -0.49 10.23
N GLY A 52 -8.51 -0.45 11.43
CA GLY A 52 -9.28 0.00 12.56
C GLY A 52 -9.31 1.51 12.70
N GLY A 53 -8.65 2.20 11.79
CA GLY A 53 -8.51 3.65 11.85
C GLY A 53 -7.08 4.04 12.13
N GLY A 54 -6.55 4.99 11.38
CA GLY A 54 -5.16 5.35 11.52
C GLY A 54 -4.26 4.52 10.63
N GLY A 55 -2.97 4.86 10.70
CA GLY A 55 -2.00 4.35 9.75
C GLY A 55 -2.12 5.10 8.44
N PHE A 56 -1.17 4.87 7.55
CA PHE A 56 -1.12 5.66 6.33
C PHE A 56 -0.57 4.82 5.17
N CYS A 57 -0.88 5.28 3.96
CA CYS A 57 -0.43 4.64 2.74
C CYS A 57 1.06 4.89 2.52
N ASP A 58 1.79 3.84 2.12
CA ASP A 58 3.22 3.88 1.88
C ASP A 58 3.58 4.03 0.40
N CYS A 59 2.63 4.42 -0.45
CA CYS A 59 2.95 4.66 -1.84
C CYS A 59 4.01 5.74 -1.93
N GLY A 60 5.06 5.45 -2.69
CA GLY A 60 6.14 6.36 -2.90
C GLY A 60 7.30 6.21 -1.95
N ASP A 61 7.19 5.38 -0.91
CA ASP A 61 8.27 5.19 0.03
C ASP A 61 9.15 4.06 -0.49
N THR A 62 10.31 4.44 -1.04
CA THR A 62 11.21 3.46 -1.64
CA THR A 62 11.21 3.45 -1.63
C THR A 62 11.78 2.49 -0.61
N GLU A 63 11.73 2.84 0.67
CA GLU A 63 12.21 1.93 1.71
C GLU A 63 11.13 0.97 2.20
N ALA A 64 9.89 1.08 1.70
CA ALA A 64 8.81 0.17 2.09
C ALA A 64 8.62 -0.99 1.12
N TRP A 65 9.20 -0.92 -0.08
CA TRP A 65 8.89 -1.86 -1.15
C TRP A 65 10.17 -2.32 -1.83
N LYS A 66 10.27 -3.63 -2.07
CA LYS A 66 11.43 -4.17 -2.76
C LYS A 66 11.36 -3.89 -4.25
N GLU A 67 10.16 -3.67 -4.76
CA GLU A 67 9.89 -3.35 -6.16
C GLU A 67 8.58 -2.57 -6.18
N GLY A 68 8.42 -1.73 -7.20
CA GLY A 68 7.16 -1.04 -7.43
C GLY A 68 6.69 -0.12 -6.31
N PRO A 69 7.55 0.81 -5.86
CA PRO A 69 7.15 1.67 -4.72
C PRO A 69 6.06 2.67 -5.05
N TYR A 70 5.91 3.08 -6.30
CA TYR A 70 4.92 4.06 -6.68
C TYR A 70 3.83 3.42 -7.53
N CYS A 71 2.61 3.93 -7.42
CA CYS A 71 1.52 3.62 -8.35
C CYS A 71 1.55 4.57 -9.55
N GLN A 72 0.67 4.31 -10.53
CA GLN A 72 0.66 5.11 -11.74
C GLN A 72 0.24 6.56 -11.48
N LYS A 73 -0.54 6.81 -10.44
CA LYS A 73 -1.01 8.15 -10.15
C LYS A 73 0.07 9.01 -9.49
N HIS A 74 0.99 8.41 -8.73
CA HIS A 74 1.95 9.19 -7.96
C HIS A 74 3.37 9.12 -8.50
N GLU A 75 3.66 8.22 -9.44
CA GLU A 75 5.00 8.11 -10.01
C GLU A 75 5.41 9.38 -10.75
N ILE B 2 0.89 0.64 8.62
CA ILE B 2 -0.09 0.41 9.68
C ILE B 2 0.58 -0.03 10.98
#